data_3G7J
#
_entry.id   3G7J
#
_cell.length_a   83.988
_cell.length_b   83.988
_cell.length_c   129.511
_cell.angle_alpha   90.00
_cell.angle_beta   90.00
_cell.angle_gamma   90.00
#
_symmetry.space_group_name_H-M   'P 43 21 2'
#
loop_
_entity.id
_entity.type
_entity.pdbx_description
1 polymer 'Glutathione transferase GST1-4'
2 non-polymer S-HEXYLGLUTATHIONE
3 water water
#
_entity_poly.entity_id   1
_entity_poly.type   'polypeptide(L)'
_entity_poly.pdbx_seq_one_letter_code
;MDFYYLPGSAPCRAVQMTAAAVGVELNLKLTNLMAGEHMKPEFLKLNPQHCIPTLVDEDGFVLWESRAIQIYLVEKYGAH
DADLAERLYPSDPRRRAVVHQRLFFDVAVLYQRFAEYYEPQIFGQKVPVGDPGRLRSMEQALEFLNTFLEGEQYVAGGDD
PTIADLSILATIATYEVAGYDLRRYENVQRWYERTSAIVPGADKNVEGAKVFGRYFTQK
;
_entity_poly.pdbx_strand_id   A,B
#
# COMPACT_ATOMS: atom_id res chain seq x y z
N MET A 1 -6.92 4.43 23.94
CA MET A 1 -6.16 4.71 22.68
C MET A 1 -6.92 5.71 21.80
N ASP A 2 -6.27 6.84 21.50
CA ASP A 2 -6.88 7.90 20.72
C ASP A 2 -6.99 7.53 19.25
N PHE A 3 -8.18 7.72 18.69
CA PHE A 3 -8.46 7.37 17.30
C PHE A 3 -9.04 8.57 16.55
N TYR A 4 -8.16 9.30 15.86
CA TYR A 4 -8.54 10.47 15.07
C TYR A 4 -9.13 10.00 13.76
N TYR A 5 -10.41 10.32 13.52
CA TYR A 5 -11.15 9.66 12.45
C TYR A 5 -12.38 10.43 11.98
N LEU A 6 -12.94 9.97 10.87
CA LEU A 6 -14.29 10.34 10.44
C LEU A 6 -15.03 9.06 10.05
N PRO A 7 -16.29 8.90 10.51
CA PRO A 7 -17.08 7.71 10.16
C PRO A 7 -17.23 7.47 8.64
N GLY A 8 -17.32 8.55 7.86
CA GLY A 8 -17.42 8.44 6.41
C GLY A 8 -16.18 7.91 5.70
N SER A 9 -15.05 7.94 6.40
CA SER A 9 -13.76 7.55 5.84
C SER A 9 -13.58 6.03 5.83
N ALA A 10 -13.41 5.47 4.64
CA ALA A 10 -13.21 4.03 4.47
C ALA A 10 -12.03 3.47 5.28
N PRO A 11 -10.82 4.06 5.14
CA PRO A 11 -9.69 3.58 5.93
C PRO A 11 -9.94 3.64 7.46
N CYS A 12 -10.68 4.65 7.91
CA CYS A 12 -11.07 4.74 9.32
C CYS A 12 -11.97 3.57 9.72
N ARG A 13 -12.94 3.24 8.85
CA ARG A 13 -13.90 2.16 9.11
C ARG A 13 -13.25 0.77 9.12
N ALA A 14 -12.18 0.61 8.33
CA ALA A 14 -11.42 -0.64 8.32
C ALA A 14 -10.72 -0.86 9.66
N VAL A 15 -10.19 0.22 10.25
CA VAL A 15 -9.59 0.16 11.59
C VAL A 15 -10.65 -0.14 12.66
N GLN A 16 -11.81 0.51 12.55
CA GLN A 16 -12.92 0.28 13.48
C GLN A 16 -13.35 -1.19 13.54
N MET A 17 -13.49 -1.81 12.38
CA MET A 17 -13.84 -3.23 12.28
C MET A 17 -12.78 -4.15 12.86
N THR A 18 -11.52 -3.81 12.64
CA THR A 18 -10.38 -4.60 13.16
C THR A 18 -10.29 -4.50 14.68
N ALA A 19 -10.48 -3.30 15.21
CA ALA A 19 -10.48 -3.06 16.65
C ALA A 19 -11.63 -3.79 17.34
N ALA A 20 -12.80 -3.80 16.69
CA ALA A 20 -13.96 -4.52 17.21
C ALA A 20 -13.72 -6.03 17.24
N ALA A 21 -12.97 -6.54 16.26
CA ALA A 21 -12.65 -7.96 16.18
C ALA A 21 -11.72 -8.42 17.30
N VAL A 22 -10.74 -7.59 17.65
CA VAL A 22 -9.76 -7.92 18.68
C VAL A 22 -10.13 -7.36 20.07
N GLY A 23 -11.31 -6.78 20.18
CA GLY A 23 -11.83 -6.26 21.45
C GLY A 23 -11.16 -4.99 21.95
N VAL A 24 -10.59 -4.22 21.03
CA VAL A 24 -9.97 -2.96 21.40
C VAL A 24 -10.99 -1.83 21.38
N GLU A 25 -11.08 -1.11 22.50
CA GLU A 25 -11.99 0.01 22.62
C GLU A 25 -11.25 1.30 22.26
N LEU A 26 -11.72 1.96 21.21
CA LEU A 26 -11.07 3.17 20.73
C LEU A 26 -11.69 4.43 21.33
N ASN A 27 -10.84 5.35 21.78
CA ASN A 27 -11.28 6.69 22.14
C ASN A 27 -11.44 7.51 20.86
N LEU A 28 -12.69 7.64 20.42
CA LEU A 28 -13.02 8.26 19.13
C LEU A 28 -12.88 9.77 19.18
N LYS A 29 -12.08 10.32 18.27
CA LYS A 29 -11.87 11.76 18.18
C LYS A 29 -12.17 12.24 16.76
N LEU A 30 -13.35 12.84 16.58
CA LEU A 30 -13.77 13.36 15.29
C LEU A 30 -12.80 14.43 14.78
N THR A 31 -12.30 14.21 13.56
CA THR A 31 -11.34 15.12 12.95
C THR A 31 -11.93 15.67 11.64
N ASN A 32 -12.55 16.85 11.75
CA ASN A 32 -13.19 17.53 10.64
C ASN A 32 -12.16 18.06 9.64
N LEU A 33 -12.02 17.35 8.52
CA LEU A 33 -11.01 17.67 7.51
C LEU A 33 -11.31 18.95 6.74
N MET A 34 -12.60 19.26 6.58
CA MET A 34 -13.03 20.48 5.91
C MET A 34 -12.73 21.73 6.75
N ALA A 35 -12.81 21.59 8.07
CA ALA A 35 -12.51 22.68 9.00
C ALA A 35 -11.02 22.80 9.31
N GLY A 36 -10.22 21.89 8.75
CA GLY A 36 -8.76 21.94 8.89
C GLY A 36 -8.24 21.47 10.24
N GLU A 37 -9.02 20.66 10.93
CA GLU A 37 -8.62 20.11 12.24
C GLU A 37 -7.41 19.20 12.16
N HIS A 38 -7.17 18.63 10.98
CA HIS A 38 -5.98 17.80 10.74
C HIS A 38 -4.73 18.66 10.44
N MET A 39 -4.95 19.95 10.19
CA MET A 39 -3.87 20.90 9.91
C MET A 39 -3.52 21.76 11.13
N LYS A 40 -4.18 21.49 12.26
CA LYS A 40 -3.88 22.20 13.51
C LYS A 40 -2.52 21.76 14.07
N PRO A 41 -1.77 22.71 14.67
CA PRO A 41 -0.40 22.46 15.13
C PRO A 41 -0.25 21.23 16.04
N GLU A 42 -1.25 20.98 16.89
CA GLU A 42 -1.24 19.86 17.83
C GLU A 42 -1.30 18.52 17.09
N PHE A 43 -2.13 18.46 16.06
CA PHE A 43 -2.26 17.26 15.23
C PHE A 43 -1.04 17.05 14.35
N LEU A 44 -0.51 18.14 13.78
CA LEU A 44 0.70 18.08 12.95
C LEU A 44 1.91 17.57 13.74
N LYS A 45 1.96 17.91 15.02
CA LYS A 45 3.00 17.40 15.93
C LYS A 45 2.94 15.88 16.04
N LEU A 46 1.71 15.35 16.15
CA LEU A 46 1.50 13.91 16.20
C LEU A 46 1.70 13.27 14.82
N ASN A 47 1.02 13.83 13.82
CA ASN A 47 1.04 13.31 12.46
C ASN A 47 1.34 14.40 11.44
N PRO A 48 2.61 14.53 11.03
CA PRO A 48 3.01 15.54 10.03
C PRO A 48 2.43 15.25 8.64
N GLN A 49 2.03 14.00 8.40
CA GLN A 49 1.35 13.65 7.16
C GLN A 49 -0.13 14.08 7.18
N HIS A 50 -0.55 14.64 8.32
CA HIS A 50 -1.90 15.21 8.51
C HIS A 50 -3.01 14.42 7.83
N CYS A 51 -3.18 13.18 8.26
CA CYS A 51 -4.19 12.31 7.67
C CYS A 51 -4.86 11.40 8.70
N ILE A 52 -6.09 11.00 8.38
CA ILE A 52 -6.86 10.07 9.19
C ILE A 52 -7.09 8.75 8.43
N PRO A 53 -7.13 7.61 9.14
CA PRO A 53 -7.02 7.46 10.60
C PRO A 53 -5.62 7.67 11.16
N THR A 54 -5.56 8.17 12.39
CA THR A 54 -4.34 8.20 13.19
C THR A 54 -4.63 7.60 14.57
N LEU A 55 -3.83 6.61 14.95
CA LEU A 55 -3.91 5.98 16.27
C LEU A 55 -2.78 6.47 17.16
N VAL A 56 -3.13 6.84 18.38
CA VAL A 56 -2.14 7.13 19.41
C VAL A 56 -2.33 6.10 20.52
N ASP A 57 -1.35 5.24 20.71
CA ASP A 57 -1.48 4.12 21.66
C ASP A 57 -1.21 4.53 23.12
N GLU A 58 -1.27 3.56 24.02
CA GLU A 58 -1.13 3.79 25.47
C GLU A 58 0.17 4.47 25.90
N ASP A 59 1.22 4.34 25.08
CA ASP A 59 2.53 4.94 25.37
C ASP A 59 2.79 6.22 24.58
N GLY A 60 1.80 6.66 23.82
CA GLY A 60 1.95 7.85 22.99
C GLY A 60 2.57 7.58 21.63
N PHE A 61 2.74 6.31 21.29
CA PHE A 61 3.22 5.92 19.96
C PHE A 61 2.15 6.24 18.92
N VAL A 62 2.56 6.96 17.88
CA VAL A 62 1.64 7.46 16.87
C VAL A 62 1.75 6.66 15.57
N LEU A 63 0.60 6.21 15.06
CA LEU A 63 0.58 5.43 13.83
C LEU A 63 -0.55 5.88 12.92
N TRP A 64 -0.24 5.98 11.63
CA TRP A 64 -1.26 6.18 10.60
C TRP A 64 -1.02 5.20 9.44
N GLU A 65 -1.80 5.36 8.36
CA GLU A 65 -2.09 4.31 7.38
C GLU A 65 -2.89 3.19 8.02
N SER A 66 -4.15 3.10 7.63
CA SER A 66 -5.12 2.17 8.21
C SER A 66 -4.66 0.71 8.25
N ARG A 67 -3.98 0.29 7.19
CA ARG A 67 -3.58 -1.11 7.04
C ARG A 67 -2.42 -1.52 7.94
N ALA A 68 -1.52 -0.58 8.21
CA ALA A 68 -0.48 -0.76 9.24
C ALA A 68 -1.09 -0.77 10.65
N ILE A 69 -2.11 0.06 10.87
CA ILE A 69 -2.85 0.05 12.13
C ILE A 69 -3.57 -1.29 12.35
N GLN A 70 -4.24 -1.78 11.30
CA GLN A 70 -4.91 -3.09 11.32
C GLN A 70 -3.98 -4.20 11.79
N ILE A 71 -2.80 -4.27 11.17
CA ILE A 71 -1.79 -5.27 11.51
C ILE A 71 -1.33 -5.12 12.96
N TYR A 72 -1.06 -3.88 13.36
CA TYR A 72 -0.64 -3.53 14.72
C TYR A 72 -1.68 -3.92 15.78
N LEU A 73 -2.95 -3.75 15.44
CA LEU A 73 -4.06 -4.15 16.30
C LEU A 73 -4.10 -5.67 16.53
N VAL A 74 -3.92 -6.44 15.46
CA VAL A 74 -3.92 -7.91 15.57
C VAL A 74 -2.65 -8.42 16.26
N GLU A 75 -1.48 -7.97 15.80
CA GLU A 75 -0.20 -8.45 16.32
C GLU A 75 0.01 -8.19 17.81
N LYS A 76 -0.33 -6.98 18.25
CA LYS A 76 -0.10 -6.57 19.64
C LYS A 76 -1.33 -6.77 20.52
N TYR A 77 -2.47 -6.27 20.06
CA TYR A 77 -3.69 -6.24 20.88
C TYR A 77 -4.64 -7.42 20.63
N GLY A 78 -4.26 -8.30 19.70
CA GLY A 78 -5.04 -9.51 19.42
C GLY A 78 -4.33 -10.79 19.86
N ALA A 79 -3.13 -10.62 20.42
CA ALA A 79 -2.27 -11.73 20.82
C ALA A 79 -2.78 -12.51 22.04
N HIS A 80 -3.80 -11.95 22.70
CA HIS A 80 -4.44 -12.60 23.85
C HIS A 80 -5.33 -13.77 23.42
N ASP A 81 -5.68 -13.79 22.14
CA ASP A 81 -6.49 -14.86 21.56
C ASP A 81 -5.77 -15.38 20.31
N ALA A 82 -4.91 -16.37 20.53
CA ALA A 82 -4.05 -16.92 19.48
C ALA A 82 -4.80 -17.40 18.23
N ASP A 83 -5.95 -18.05 18.44
CA ASP A 83 -6.77 -18.59 17.34
C ASP A 83 -7.41 -17.48 16.50
N LEU A 84 -7.89 -16.43 17.16
CA LEU A 84 -8.50 -15.29 16.49
C LEU A 84 -7.48 -14.53 15.64
N ALA A 85 -6.31 -14.24 16.21
CA ALA A 85 -5.23 -13.58 15.49
C ALA A 85 -4.86 -14.36 14.24
N GLU A 86 -4.75 -15.68 14.38
CA GLU A 86 -4.46 -16.58 13.26
C GLU A 86 -5.52 -16.51 12.14
N ARG A 87 -6.80 -16.40 12.52
CA ARG A 87 -7.87 -16.23 11.54
C ARG A 87 -7.78 -14.89 10.82
N LEU A 88 -7.54 -13.83 11.59
CA LEU A 88 -7.47 -12.47 11.04
C LEU A 88 -6.19 -12.20 10.26
N TYR A 89 -5.09 -12.84 10.65
CA TYR A 89 -3.78 -12.51 10.12
C TYR A 89 -2.87 -13.74 10.19
N PRO A 90 -3.13 -14.73 9.31
CA PRO A 90 -2.41 -16.02 9.40
C PRO A 90 -0.89 -15.84 9.31
N SER A 91 -0.16 -16.62 10.10
CA SER A 91 1.29 -16.46 10.22
C SER A 91 2.08 -17.18 9.12
N ASP A 92 1.49 -18.21 8.52
CA ASP A 92 2.12 -18.90 7.39
C ASP A 92 2.51 -17.87 6.33
N PRO A 93 3.80 -17.82 5.95
CA PRO A 93 4.32 -16.83 5.00
C PRO A 93 3.53 -16.75 3.67
N ARG A 94 3.15 -17.89 3.11
CA ARG A 94 2.36 -17.89 1.87
C ARG A 94 0.98 -17.26 2.06
N ARG A 95 0.25 -17.72 3.09
CA ARG A 95 -1.09 -17.20 3.38
C ARG A 95 -1.04 -15.72 3.74
N ARG A 96 -0.06 -15.33 4.55
CA ARG A 96 0.14 -13.93 4.94
C ARG A 96 0.49 -13.03 3.75
N ALA A 97 1.25 -13.57 2.80
CA ALA A 97 1.61 -12.86 1.57
C ALA A 97 0.39 -12.49 0.73
N VAL A 98 -0.60 -13.38 0.69
CA VAL A 98 -1.84 -13.11 -0.03
C VAL A 98 -2.66 -12.03 0.70
N VAL A 99 -2.68 -12.09 2.03
CA VAL A 99 -3.28 -11.04 2.84
C VAL A 99 -2.60 -9.70 2.55
N HIS A 100 -1.27 -9.68 2.62
CA HIS A 100 -0.51 -8.47 2.33
C HIS A 100 -0.78 -7.95 0.91
N GLN A 101 -0.73 -8.86 -0.05
CA GLN A 101 -0.99 -8.57 -1.46
C GLN A 101 -2.36 -7.89 -1.65
N ARG A 102 -3.38 -8.44 -0.99
CA ARG A 102 -4.73 -7.86 -1.06
C ARG A 102 -4.83 -6.50 -0.36
N LEU A 103 -4.12 -6.33 0.76
CA LEU A 103 -4.08 -5.02 1.45
C LEU A 103 -3.47 -3.96 0.55
N PHE A 104 -2.38 -4.32 -0.13
CA PHE A 104 -1.72 -3.43 -1.07
C PHE A 104 -2.56 -3.14 -2.32
N PHE A 105 -3.25 -4.17 -2.82
CA PHE A 105 -4.22 -4.02 -3.89
C PHE A 105 -5.29 -3.00 -3.52
N ASP A 106 -5.81 -3.09 -2.29
CA ASP A 106 -6.84 -2.16 -1.85
C ASP A 106 -6.35 -0.70 -1.85
N VAL A 107 -5.19 -0.44 -1.27
CA VAL A 107 -4.65 0.91 -1.18
C VAL A 107 -4.23 1.47 -2.55
N ALA A 108 -3.54 0.66 -3.35
CA ALA A 108 -2.91 1.13 -4.59
C ALA A 108 -3.79 1.01 -5.83
N VAL A 109 -4.86 0.22 -5.74
CA VAL A 109 -5.72 -0.05 -6.90
C VAL A 109 -7.19 0.20 -6.61
N LEU A 110 -7.78 -0.63 -5.76
CA LEU A 110 -9.22 -0.57 -5.53
C LEU A 110 -9.70 0.75 -4.92
N TYR A 111 -9.19 1.12 -3.75
CA TYR A 111 -9.56 2.40 -3.16
C TYR A 111 -8.97 3.59 -3.93
N GLN A 112 -7.74 3.43 -4.39
CA GLN A 112 -7.04 4.49 -5.11
C GLN A 112 -7.86 5.02 -6.29
N ARG A 113 -8.37 4.10 -7.12
CA ARG A 113 -9.12 4.47 -8.32
C ARG A 113 -10.51 5.01 -7.97
N PHE A 114 -11.09 4.48 -6.89
CA PHE A 114 -12.32 5.05 -6.34
C PHE A 114 -12.13 6.52 -5.96
N ALA A 115 -11.11 6.81 -5.17
CA ALA A 115 -10.86 8.17 -4.65
C ALA A 115 -10.59 9.16 -5.77
N GLU A 116 -9.85 8.73 -6.79
CA GLU A 116 -9.55 9.58 -7.95
C GLU A 116 -10.80 10.09 -8.67
N TYR A 117 -11.84 9.26 -8.72
CA TYR A 117 -13.09 9.66 -9.37
C TYR A 117 -14.08 10.37 -8.42
N TYR A 118 -14.32 9.77 -7.26
CA TYR A 118 -15.41 10.21 -6.38
C TYR A 118 -15.09 11.31 -5.37
N GLU A 119 -13.87 11.28 -4.82
CA GLU A 119 -13.48 12.23 -3.77
C GLU A 119 -13.50 13.72 -4.17
N PRO A 120 -13.13 14.07 -5.42
CA PRO A 120 -13.36 15.44 -5.88
C PRO A 120 -14.79 15.95 -5.64
N GLN A 121 -15.78 15.08 -5.78
CA GLN A 121 -17.19 15.45 -5.59
C GLN A 121 -17.54 15.83 -4.15
N ILE A 122 -16.72 15.38 -3.20
CA ILE A 122 -16.85 15.76 -1.79
C ILE A 122 -16.35 17.19 -1.56
N PHE A 123 -15.19 17.51 -2.12
CA PHE A 123 -14.57 18.82 -1.98
C PHE A 123 -15.24 19.89 -2.87
N GLY A 124 -16.12 19.44 -3.77
CA GLY A 124 -16.84 20.34 -4.68
C GLY A 124 -16.15 20.54 -6.02
N GLN A 125 -15.12 19.75 -6.27
CA GLN A 125 -14.35 19.83 -7.52
C GLN A 125 -14.91 18.88 -8.57
N LYS A 126 -16.20 18.56 -8.44
CA LYS A 126 -16.90 17.65 -9.35
C LYS A 126 -17.04 18.25 -10.75
N VAL A 127 -16.45 17.56 -11.73
CA VAL A 127 -16.61 17.93 -13.13
C VAL A 127 -17.72 17.04 -13.71
N PRO A 128 -18.81 17.68 -14.21
CA PRO A 128 -19.99 16.96 -14.71
C PRO A 128 -19.69 15.95 -15.81
N VAL A 129 -18.78 16.32 -16.71
CA VAL A 129 -18.30 15.42 -17.76
C VAL A 129 -16.80 15.23 -17.62
N GLY A 130 -16.38 13.98 -17.54
CA GLY A 130 -14.98 13.69 -17.25
C GLY A 130 -14.32 12.71 -18.19
N ASP A 131 -13.05 12.44 -17.90
CA ASP A 131 -12.22 11.52 -18.67
C ASP A 131 -12.74 10.09 -18.51
N PRO A 132 -12.99 9.41 -19.64
CA PRO A 132 -13.45 8.01 -19.63
C PRO A 132 -12.46 7.06 -18.98
N GLY A 133 -11.18 7.44 -18.98
CA GLY A 133 -10.11 6.63 -18.36
C GLY A 133 -10.33 6.34 -16.89
N ARG A 134 -10.85 7.32 -16.16
CA ARG A 134 -11.13 7.18 -14.73
C ARG A 134 -12.22 6.15 -14.46
N LEU A 135 -13.19 6.06 -15.38
CA LEU A 135 -14.28 5.10 -15.25
C LEU A 135 -13.82 3.68 -15.58
N ARG A 136 -13.05 3.53 -16.65
CA ARG A 136 -12.46 2.25 -17.03
C ARG A 136 -11.58 1.69 -15.94
N SER A 137 -10.87 2.59 -15.25
CA SER A 137 -9.95 2.26 -14.17
C SER A 137 -10.65 1.56 -12.99
N MET A 138 -11.80 2.07 -12.60
CA MET A 138 -12.60 1.47 -11.52
C MET A 138 -13.20 0.13 -11.96
N GLU A 139 -13.72 0.09 -13.18
CA GLU A 139 -14.25 -1.13 -13.79
C GLU A 139 -13.20 -2.24 -13.76
N GLN A 140 -11.99 -1.91 -14.21
CA GLN A 140 -10.86 -2.86 -14.24
C GLN A 140 -10.48 -3.37 -12.85
N ALA A 141 -10.45 -2.47 -11.87
CA ALA A 141 -10.17 -2.80 -10.47
C ALA A 141 -11.20 -3.78 -9.90
N LEU A 142 -12.47 -3.54 -10.20
CA LEU A 142 -13.56 -4.40 -9.75
C LEU A 142 -13.55 -5.78 -10.44
N GLU A 143 -13.11 -5.80 -11.69
CA GLU A 143 -12.91 -7.05 -12.43
C GLU A 143 -11.84 -7.92 -11.77
N PHE A 144 -10.73 -7.30 -11.36
CA PHE A 144 -9.66 -8.00 -10.63
C PHE A 144 -10.19 -8.64 -9.35
N LEU A 145 -10.88 -7.84 -8.53
CA LEU A 145 -11.44 -8.32 -7.26
C LEU A 145 -12.40 -9.50 -7.44
N ASN A 146 -13.31 -9.38 -8.42
CA ASN A 146 -14.26 -10.43 -8.79
C ASN A 146 -13.58 -11.74 -9.17
N THR A 147 -12.44 -11.62 -9.85
CA THR A 147 -11.61 -12.74 -10.25
C THR A 147 -10.91 -13.38 -9.05
N PHE A 148 -10.40 -12.56 -8.13
CA PHE A 148 -9.80 -13.07 -6.90
C PHE A 148 -10.81 -13.86 -6.07
N LEU A 149 -12.07 -13.45 -6.12
CA LEU A 149 -13.14 -14.07 -5.33
C LEU A 149 -13.84 -15.24 -6.02
N GLU A 150 -13.39 -15.60 -7.22
CA GLU A 150 -13.94 -16.74 -7.94
C GLU A 150 -13.59 -18.03 -7.23
N GLY A 151 -14.61 -18.82 -6.88
CA GLY A 151 -14.46 -20.05 -6.11
C GLY A 151 -13.96 -19.86 -4.69
N GLU A 152 -13.91 -18.61 -4.23
CA GLU A 152 -13.41 -18.28 -2.89
C GLU A 152 -14.43 -17.53 -2.06
N GLN A 153 -14.47 -17.84 -0.76
CA GLN A 153 -15.34 -17.13 0.18
C GLN A 153 -14.78 -15.75 0.52
N TYR A 154 -13.46 -15.66 0.64
CA TYR A 154 -12.81 -14.44 1.13
C TYR A 154 -11.69 -13.98 0.21
N VAL A 155 -11.31 -12.70 0.33
CA VAL A 155 -10.45 -12.03 -0.64
C VAL A 155 -9.02 -12.59 -0.74
N ALA A 156 -8.51 -13.11 0.37
CA ALA A 156 -7.16 -13.68 0.42
C ALA A 156 -7.21 -15.19 0.59
N GLY A 157 -8.40 -15.76 0.38
CA GLY A 157 -8.63 -17.17 0.60
C GLY A 157 -8.81 -17.45 2.08
N GLY A 158 -8.86 -18.73 2.41
CA GLY A 158 -9.06 -19.17 3.78
C GLY A 158 -10.52 -19.39 4.11
N ASP A 159 -10.76 -19.91 5.31
CA ASP A 159 -12.09 -20.28 5.75
C ASP A 159 -12.72 -19.20 6.61
N ASP A 160 -11.95 -18.14 6.88
CA ASP A 160 -12.40 -17.04 7.72
C ASP A 160 -11.96 -15.69 7.15
N PRO A 161 -12.73 -14.62 7.46
CA PRO A 161 -12.31 -13.27 7.06
C PRO A 161 -10.99 -12.87 7.70
N THR A 162 -10.14 -12.22 6.90
CA THR A 162 -8.87 -11.67 7.40
C THR A 162 -8.99 -10.14 7.45
N ILE A 163 -7.92 -9.48 7.88
CA ILE A 163 -7.86 -8.02 7.83
C ILE A 163 -7.97 -7.46 6.41
N ALA A 164 -7.60 -8.29 5.42
CA ALA A 164 -7.75 -7.94 4.01
C ALA A 164 -9.22 -7.82 3.60
N ASP A 165 -10.04 -8.72 4.11
CA ASP A 165 -11.49 -8.65 3.94
C ASP A 165 -12.09 -7.38 4.57
N LEU A 166 -11.61 -7.02 5.75
CA LEU A 166 -12.12 -5.85 6.48
C LEU A 166 -11.74 -4.55 5.77
N SER A 167 -10.51 -4.51 5.25
CA SER A 167 -10.03 -3.40 4.45
C SER A 167 -10.88 -3.22 3.19
N ILE A 168 -11.03 -4.30 2.43
CA ILE A 168 -11.79 -4.26 1.18
C ILE A 168 -13.30 -4.12 1.44
N LEU A 169 -13.77 -4.60 2.59
CA LEU A 169 -15.18 -4.40 2.98
C LEU A 169 -15.50 -2.92 3.15
N ALA A 170 -14.61 -2.19 3.83
CA ALA A 170 -14.76 -0.76 4.02
C ALA A 170 -14.73 -0.02 2.67
N THR A 171 -13.83 -0.45 1.79
CA THR A 171 -13.70 0.15 0.46
C THR A 171 -14.95 -0.09 -0.40
N ILE A 172 -15.43 -1.34 -0.44
CA ILE A 172 -16.56 -1.71 -1.28
C ILE A 172 -17.88 -1.11 -0.79
N ALA A 173 -18.01 -0.93 0.53
CA ALA A 173 -19.14 -0.21 1.12
C ALA A 173 -19.20 1.22 0.60
N THR A 174 -18.03 1.82 0.41
CA THR A 174 -17.89 3.18 -0.09
C THR A 174 -18.26 3.25 -1.59
N TYR A 175 -17.85 2.24 -2.36
CA TYR A 175 -18.27 2.11 -3.76
C TYR A 175 -19.79 2.09 -3.84
N GLU A 176 -20.40 1.19 -3.07
CA GLU A 176 -21.86 1.01 -3.05
C GLU A 176 -22.62 2.29 -2.68
N VAL A 177 -22.15 2.97 -1.63
CA VAL A 177 -22.84 4.16 -1.11
C VAL A 177 -22.65 5.39 -2.01
N ALA A 178 -21.56 5.40 -2.77
CA ALA A 178 -21.31 6.45 -3.76
C ALA A 178 -22.19 6.27 -4.99
N GLY A 179 -22.79 5.08 -5.11
CA GLY A 179 -23.76 4.80 -6.17
C GLY A 179 -23.28 3.85 -7.26
N TYR A 180 -22.14 3.21 -7.05
CA TYR A 180 -21.59 2.29 -8.05
C TYR A 180 -22.44 1.02 -8.19
N ASP A 181 -22.73 0.65 -9.44
CA ASP A 181 -23.48 -0.56 -9.75
C ASP A 181 -22.55 -1.78 -9.72
N LEU A 182 -22.66 -2.57 -8.66
CA LEU A 182 -21.76 -3.71 -8.45
C LEU A 182 -22.30 -5.03 -9.00
N ARG A 183 -23.45 -4.97 -9.68
CA ARG A 183 -24.18 -6.18 -10.13
C ARG A 183 -23.48 -7.04 -11.17
N ARG A 184 -22.58 -6.44 -11.95
CA ARG A 184 -21.81 -7.19 -12.95
C ARG A 184 -20.74 -8.04 -12.28
N TYR A 185 -20.53 -7.79 -10.99
CA TYR A 185 -19.50 -8.48 -10.22
C TYR A 185 -20.18 -9.34 -9.16
N GLU A 186 -20.63 -10.51 -9.61
CA GLU A 186 -21.42 -11.44 -8.80
C GLU A 186 -20.66 -11.94 -7.56
N ASN A 187 -19.37 -12.24 -7.74
CA ASN A 187 -18.52 -12.67 -6.65
C ASN A 187 -18.31 -11.58 -5.59
N VAL A 188 -18.15 -10.34 -6.04
CA VAL A 188 -17.99 -9.19 -5.16
C VAL A 188 -19.25 -8.97 -4.31
N GLN A 189 -20.41 -8.94 -4.97
CA GLN A 189 -21.69 -8.79 -4.28
C GLN A 189 -21.96 -9.91 -3.28
N ARG A 190 -21.74 -11.15 -3.72
CA ARG A 190 -21.90 -12.33 -2.88
C ARG A 190 -20.97 -12.27 -1.66
N TRP A 191 -19.70 -11.95 -1.90
CA TRP A 191 -18.72 -11.81 -0.82
C TRP A 191 -19.09 -10.69 0.15
N TYR A 192 -19.49 -9.54 -0.40
CA TYR A 192 -19.87 -8.39 0.41
C TYR A 192 -21.03 -8.73 1.35
N GLU A 193 -22.09 -9.31 0.80
CA GLU A 193 -23.26 -9.76 1.58
C GLU A 193 -22.88 -10.68 2.73
N ARG A 194 -22.15 -11.74 2.41
CA ARG A 194 -21.81 -12.79 3.37
C ARG A 194 -20.79 -12.33 4.41
N THR A 195 -19.84 -11.49 4.00
CA THR A 195 -18.84 -10.94 4.93
C THR A 195 -19.45 -9.92 5.89
N SER A 196 -20.30 -9.03 5.35
CA SER A 196 -20.97 -8.00 6.16
C SER A 196 -21.91 -8.60 7.21
N ALA A 197 -22.36 -9.83 6.99
CA ALA A 197 -23.26 -10.51 7.91
C ALA A 197 -22.55 -11.10 9.14
N ILE A 198 -21.25 -11.36 9.02
CA ILE A 198 -20.52 -12.09 10.07
C ILE A 198 -19.40 -11.34 10.79
N VAL A 199 -18.85 -10.29 10.18
CA VAL A 199 -17.72 -9.61 10.81
C VAL A 199 -18.15 -8.64 11.91
N PRO A 200 -17.42 -8.63 13.05
CA PRO A 200 -17.69 -7.65 14.11
C PRO A 200 -17.46 -6.23 13.63
N GLY A 201 -18.35 -5.31 14.03
CA GLY A 201 -18.25 -3.90 13.65
C GLY A 201 -18.73 -3.58 12.25
N ALA A 202 -19.34 -4.57 11.60
CA ALA A 202 -19.89 -4.39 10.24
C ALA A 202 -21.01 -3.35 10.19
N ASP A 203 -21.79 -3.26 11.26
CA ASP A 203 -22.86 -2.27 11.37
C ASP A 203 -22.34 -0.84 11.23
N LYS A 204 -21.23 -0.56 11.91
CA LYS A 204 -20.59 0.76 11.86
C LYS A 204 -19.90 1.04 10.52
N ASN A 205 -19.60 -0.03 9.77
CA ASN A 205 -19.10 0.13 8.40
C ASN A 205 -20.22 0.65 7.48
N VAL A 206 -21.39 0.04 7.60
CA VAL A 206 -22.57 0.45 6.84
C VAL A 206 -23.00 1.87 7.26
N GLU A 207 -23.14 2.09 8.56
CA GLU A 207 -23.51 3.39 9.13
C GLU A 207 -22.54 4.50 8.70
N GLY A 208 -21.26 4.23 8.83
CA GLY A 208 -20.21 5.16 8.45
C GLY A 208 -20.21 5.46 6.97
N ALA A 209 -20.38 4.41 6.16
CA ALA A 209 -20.48 4.57 4.70
C ALA A 209 -21.63 5.49 4.31
N LYS A 210 -22.77 5.33 4.98
CA LYS A 210 -23.94 6.20 4.76
C LYS A 210 -23.63 7.69 4.94
N VAL A 211 -22.78 8.01 5.92
CA VAL A 211 -22.33 9.38 6.15
C VAL A 211 -21.56 9.92 4.93
N PHE A 212 -20.75 9.06 4.32
CA PHE A 212 -20.07 9.35 3.06
C PHE A 212 -21.10 9.53 1.93
N GLY A 213 -22.16 8.72 1.96
CA GLY A 213 -23.21 8.77 0.95
C GLY A 213 -24.03 10.05 0.93
N ARG A 214 -24.00 10.80 2.03
CA ARG A 214 -24.71 12.07 2.14
C ARG A 214 -24.05 13.18 1.32
N TYR A 215 -22.86 12.91 0.80
CA TYR A 215 -22.16 13.84 -0.10
C TYR A 215 -22.65 13.73 -1.54
N PHE A 216 -23.39 12.67 -1.83
CA PHE A 216 -23.88 12.39 -3.19
C PHE A 216 -25.41 12.43 -3.27
N THR A 217 -25.99 13.46 -2.66
CA THR A 217 -27.45 13.66 -2.68
C THR A 217 -27.95 14.15 -4.03
N MET B 1 13.17 -19.92 -8.39
CA MET B 1 12.01 -18.99 -8.33
C MET B 1 12.01 -18.07 -9.54
N ASP B 2 10.94 -18.14 -10.33
CA ASP B 2 10.80 -17.29 -11.51
C ASP B 2 10.44 -15.87 -11.11
N PHE B 3 11.19 -14.91 -11.65
CA PHE B 3 11.00 -13.50 -11.35
C PHE B 3 10.70 -12.73 -12.63
N TYR B 4 9.44 -12.36 -12.80
CA TYR B 4 9.02 -11.62 -13.98
C TYR B 4 9.22 -10.13 -13.72
N TYR B 5 10.11 -9.52 -14.50
CA TYR B 5 10.60 -8.19 -14.14
C TYR B 5 11.01 -7.31 -15.33
N LEU B 6 11.21 -6.03 -15.03
CA LEU B 6 11.97 -5.12 -15.90
C LEU B 6 13.00 -4.39 -15.05
N PRO B 7 14.25 -4.29 -15.56
CA PRO B 7 15.34 -3.60 -14.84
C PRO B 7 14.98 -2.16 -14.45
N GLY B 8 14.31 -1.44 -15.35
CA GLY B 8 13.95 -0.04 -15.12
C GLY B 8 12.87 0.18 -14.06
N SER B 9 12.12 -0.87 -13.75
CA SER B 9 10.99 -0.80 -12.83
C SER B 9 11.44 -0.75 -11.37
N ALA B 10 11.04 0.30 -10.67
CA ALA B 10 11.36 0.50 -9.24
C ALA B 10 10.90 -0.63 -8.33
N PRO B 11 9.61 -1.03 -8.40
CA PRO B 11 9.17 -2.15 -7.56
C PRO B 11 9.91 -3.46 -7.85
N CYS B 12 10.31 -3.67 -9.11
CA CYS B 12 11.13 -4.83 -9.46
C CYS B 12 12.50 -4.76 -8.78
N ARG B 13 13.10 -3.57 -8.81
CA ARG B 13 14.42 -3.33 -8.21
C ARG B 13 14.45 -3.49 -6.68
N ALA B 14 13.33 -3.14 -6.05
CA ALA B 14 13.16 -3.29 -4.61
C ALA B 14 13.19 -4.76 -4.16
N VAL B 15 12.53 -5.62 -4.95
CA VAL B 15 12.56 -7.07 -4.72
C VAL B 15 13.96 -7.64 -4.94
N GLN B 16 14.64 -7.17 -5.99
CA GLN B 16 16.00 -7.60 -6.31
C GLN B 16 16.99 -7.32 -5.17
N MET B 17 16.87 -6.14 -4.57
CA MET B 17 17.69 -5.77 -3.42
C MET B 17 17.36 -6.61 -2.19
N THR B 18 16.07 -6.90 -2.00
CA THR B 18 15.63 -7.72 -0.89
C THR B 18 16.14 -9.16 -1.03
N ALA B 19 15.97 -9.75 -2.22
CA ALA B 19 16.43 -11.11 -2.50
C ALA B 19 17.94 -11.28 -2.30
N ALA B 20 18.70 -10.26 -2.70
CA ALA B 20 20.14 -10.22 -2.48
C ALA B 20 20.51 -10.14 -0.99
N ALA B 21 19.69 -9.40 -0.22
CA ALA B 21 19.92 -9.26 1.21
C ALA B 21 19.66 -10.57 1.99
N VAL B 22 18.61 -11.29 1.63
CA VAL B 22 18.29 -12.57 2.27
C VAL B 22 19.15 -13.73 1.73
N GLY B 23 19.71 -13.54 0.55
CA GLY B 23 20.63 -14.51 -0.05
C GLY B 23 20.03 -15.56 -0.96
N VAL B 24 18.94 -15.22 -1.64
CA VAL B 24 18.33 -16.11 -2.63
C VAL B 24 18.46 -15.61 -4.05
N GLU B 25 18.85 -16.52 -4.95
CA GLU B 25 18.93 -16.21 -6.38
C GLU B 25 17.52 -16.15 -6.97
N LEU B 26 17.35 -15.31 -7.99
CA LEU B 26 16.10 -15.23 -8.72
C LEU B 26 16.32 -15.64 -10.16
N ASN B 27 15.42 -16.46 -10.68
CA ASN B 27 15.42 -16.81 -12.09
C ASN B 27 14.79 -15.67 -12.87
N LEU B 28 15.64 -14.81 -13.43
CA LEU B 28 15.20 -13.58 -14.09
C LEU B 28 14.50 -13.85 -15.42
N LYS B 29 13.26 -13.37 -15.50
CA LYS B 29 12.45 -13.51 -16.70
C LYS B 29 11.97 -12.13 -17.13
N LEU B 30 12.70 -11.54 -18.08
CA LEU B 30 12.37 -10.21 -18.57
C LEU B 30 11.02 -10.21 -19.29
N THR B 31 10.14 -9.33 -18.85
CA THR B 31 8.78 -9.27 -19.34
C THR B 31 8.55 -7.90 -20.00
N ASN B 32 8.63 -7.89 -21.33
CA ASN B 32 8.50 -6.66 -22.11
C ASN B 32 7.05 -6.19 -22.16
N LEU B 33 6.75 -5.15 -21.40
CA LEU B 33 5.42 -4.56 -21.33
C LEU B 33 5.03 -3.90 -22.66
N MET B 34 6.03 -3.36 -23.36
CA MET B 34 5.81 -2.69 -24.65
C MET B 34 5.46 -3.67 -25.77
N ALA B 35 5.89 -4.91 -25.61
CA ALA B 35 5.52 -5.99 -26.54
C ALA B 35 4.30 -6.74 -26.02
N GLY B 36 3.72 -6.23 -24.93
CA GLY B 36 2.52 -6.80 -24.31
C GLY B 36 2.70 -8.22 -23.79
N GLU B 37 3.89 -8.53 -23.32
CA GLU B 37 4.21 -9.88 -22.82
C GLU B 37 3.52 -10.21 -21.51
N HIS B 38 3.10 -9.16 -20.79
CA HIS B 38 2.32 -9.31 -19.56
C HIS B 38 0.85 -9.61 -19.87
N MET B 39 0.48 -9.49 -21.14
CA MET B 39 -0.90 -9.69 -21.58
C MET B 39 -1.11 -11.01 -22.33
N LYS B 40 -0.04 -11.80 -22.45
CA LYS B 40 -0.12 -13.11 -23.10
C LYS B 40 -0.82 -14.12 -22.18
N PRO B 41 -1.58 -15.07 -22.77
CA PRO B 41 -2.34 -16.06 -21.99
C PRO B 41 -1.52 -16.80 -20.93
N GLU B 42 -0.22 -17.00 -21.19
CA GLU B 42 0.70 -17.65 -20.25
C GLU B 42 0.89 -16.87 -18.95
N PHE B 43 1.04 -15.55 -19.08
CA PHE B 43 1.25 -14.70 -17.92
C PHE B 43 -0.06 -14.43 -17.18
N LEU B 44 -1.14 -14.28 -17.93
CA LEU B 44 -2.46 -14.00 -17.36
C LEU B 44 -2.99 -15.12 -16.46
N LYS B 45 -2.74 -16.37 -16.85
CA LYS B 45 -3.08 -17.54 -16.04
C LYS B 45 -2.39 -17.46 -14.67
N LEU B 46 -1.13 -17.04 -14.68
CA LEU B 46 -0.35 -16.85 -13.46
C LEU B 46 -0.84 -15.62 -12.70
N ASN B 47 -0.93 -14.49 -13.40
CA ASN B 47 -1.25 -13.21 -12.81
C ASN B 47 -2.34 -12.50 -13.61
N PRO B 48 -3.61 -12.63 -13.16
CA PRO B 48 -4.73 -11.93 -13.82
C PRO B 48 -4.60 -10.41 -13.76
N GLN B 49 -3.89 -9.90 -12.76
CA GLN B 49 -3.64 -8.45 -12.63
C GLN B 49 -2.56 -7.96 -13.61
N HIS B 50 -1.96 -8.90 -14.33
CA HIS B 50 -0.99 -8.63 -15.41
C HIS B 50 0.02 -7.50 -15.11
N CYS B 51 0.76 -7.67 -14.02
CA CYS B 51 1.72 -6.67 -13.59
C CYS B 51 3.02 -7.29 -13.12
N ILE B 52 4.07 -6.46 -13.09
CA ILE B 52 5.37 -6.86 -12.61
C ILE B 52 5.82 -5.92 -11.50
N PRO B 53 6.60 -6.42 -10.52
CA PRO B 53 7.15 -7.78 -10.42
C PRO B 53 6.10 -8.86 -10.13
N THR B 54 6.30 -10.05 -10.69
CA THR B 54 5.57 -11.25 -10.30
C THR B 54 6.59 -12.32 -9.94
N LEU B 55 6.43 -12.92 -8.76
CA LEU B 55 7.28 -14.00 -8.29
C LEU B 55 6.51 -15.32 -8.34
N VAL B 56 7.10 -16.31 -8.99
CA VAL B 56 6.54 -17.66 -8.98
C VAL B 56 7.50 -18.55 -8.21
N ASP B 57 7.06 -19.03 -7.06
CA ASP B 57 7.89 -19.90 -6.23
C ASP B 57 7.83 -21.32 -6.77
N GLU B 58 8.82 -22.14 -6.40
CA GLU B 58 8.95 -23.49 -6.96
C GLU B 58 7.77 -24.41 -6.63
N ASP B 59 7.00 -24.06 -5.61
CA ASP B 59 5.78 -24.81 -5.25
C ASP B 59 4.55 -24.40 -6.06
N GLY B 60 4.70 -23.37 -6.90
CA GLY B 60 3.61 -22.91 -7.75
C GLY B 60 2.88 -21.67 -7.23
N PHE B 61 3.27 -21.21 -6.05
CA PHE B 61 2.73 -19.98 -5.47
C PHE B 61 3.10 -18.77 -6.32
N VAL B 62 2.07 -18.03 -6.75
CA VAL B 62 2.25 -16.83 -7.56
C VAL B 62 1.95 -15.61 -6.69
N LEU B 63 2.92 -14.70 -6.64
CA LEU B 63 2.80 -13.51 -5.80
C LEU B 63 3.21 -12.26 -6.56
N TRP B 64 2.43 -11.20 -6.40
CA TRP B 64 2.77 -9.89 -6.93
C TRP B 64 2.52 -8.81 -5.86
N GLU B 65 2.70 -7.54 -6.26
CA GLU B 65 2.98 -6.43 -5.34
C GLU B 65 4.35 -6.61 -4.68
N SER B 66 5.30 -5.78 -5.11
CA SER B 66 6.69 -5.85 -4.66
C SER B 66 6.88 -5.93 -3.14
N ARG B 67 6.09 -5.15 -2.41
CA ARG B 67 6.23 -5.04 -0.96
C ARG B 67 5.68 -6.25 -0.22
N ALA B 68 4.69 -6.92 -0.83
CA ALA B 68 4.23 -8.23 -0.36
C ALA B 68 5.32 -9.28 -0.63
N ILE B 69 5.95 -9.20 -1.80
CA ILE B 69 7.07 -10.08 -2.14
C ILE B 69 8.26 -9.88 -1.19
N GLN B 70 8.56 -8.63 -0.87
CA GLN B 70 9.65 -8.29 0.05
C GLN B 70 9.50 -9.01 1.40
N ILE B 71 8.33 -8.87 1.99
CA ILE B 71 8.02 -9.50 3.27
C ILE B 71 8.10 -11.04 3.16
N TYR B 72 7.51 -11.59 2.11
CA TYR B 72 7.54 -13.03 1.83
C TYR B 72 8.95 -13.59 1.77
N LEU B 73 9.86 -12.87 1.10
CA LEU B 73 11.26 -13.28 0.98
C LEU B 73 11.95 -13.35 2.34
N VAL B 74 11.70 -12.34 3.18
CA VAL B 74 12.27 -12.29 4.52
C VAL B 74 11.68 -13.40 5.40
N GLU B 75 10.37 -13.54 5.37
CA GLU B 75 9.68 -14.51 6.22
C GLU B 75 10.03 -15.96 5.88
N LYS B 76 10.07 -16.29 4.60
CA LYS B 76 10.32 -17.66 4.18
C LYS B 76 11.81 -17.97 3.94
N TYR B 77 12.53 -17.04 3.33
CA TYR B 77 13.92 -17.28 2.94
C TYR B 77 14.97 -16.54 3.77
N GLY B 78 14.55 -15.97 4.89
CA GLY B 78 15.44 -15.25 5.77
C GLY B 78 15.62 -15.92 7.12
N ALA B 79 14.85 -16.98 7.35
CA ALA B 79 14.86 -17.74 8.62
C ALA B 79 16.22 -18.30 8.99
N HIS B 80 17.05 -18.55 7.97
CA HIS B 80 18.40 -19.09 8.14
C HIS B 80 19.37 -18.11 8.81
N ASP B 81 18.99 -16.83 8.88
CA ASP B 81 19.79 -15.80 9.54
C ASP B 81 18.84 -14.87 10.30
N ALA B 82 18.59 -15.23 11.56
CA ALA B 82 17.64 -14.55 12.44
C ALA B 82 17.94 -13.07 12.61
N ASP B 83 19.21 -12.73 12.82
CA ASP B 83 19.63 -11.34 13.02
C ASP B 83 19.40 -10.51 11.76
N LEU B 84 19.74 -11.09 10.61
CA LEU B 84 19.51 -10.44 9.32
C LEU B 84 18.03 -10.15 9.07
N ALA B 85 17.20 -11.18 9.25
CA ALA B 85 15.75 -11.03 9.08
C ALA B 85 15.20 -9.97 10.05
N GLU B 86 15.75 -9.96 11.26
CA GLU B 86 15.39 -8.98 12.28
C GLU B 86 15.76 -7.55 11.87
N ARG B 87 16.95 -7.36 11.29
CA ARG B 87 17.37 -6.06 10.78
C ARG B 87 16.43 -5.56 9.67
N LEU B 88 16.13 -6.44 8.72
CA LEU B 88 15.30 -6.10 7.57
C LEU B 88 13.83 -5.91 7.89
N TYR B 89 13.35 -6.63 8.90
CA TYR B 89 11.92 -6.71 9.19
C TYR B 89 11.70 -7.02 10.67
N PRO B 90 11.96 -6.04 11.56
CA PRO B 90 11.89 -6.24 13.01
C PRO B 90 10.54 -6.77 13.48
N SER B 91 10.58 -7.78 14.35
CA SER B 91 9.39 -8.50 14.79
C SER B 91 8.56 -7.77 15.87
N ASP B 92 9.18 -6.85 16.61
CA ASP B 92 8.42 -6.05 17.57
C ASP B 92 7.30 -5.30 16.84
N PRO B 93 6.04 -5.50 17.27
CA PRO B 93 4.87 -4.94 16.59
C PRO B 93 4.92 -3.42 16.36
N ARG B 94 5.41 -2.67 17.34
CA ARG B 94 5.57 -1.22 17.22
C ARG B 94 6.64 -0.81 16.18
N ARG B 95 7.78 -1.50 16.22
CA ARG B 95 8.85 -1.28 15.24
C ARG B 95 8.44 -1.72 13.83
N ARG B 96 7.74 -2.84 13.74
CA ARG B 96 7.22 -3.33 12.46
C ARG B 96 6.12 -2.44 11.88
N ALA B 97 5.33 -1.82 12.76
CA ALA B 97 4.26 -0.89 12.36
C ALA B 97 4.79 0.29 11.56
N VAL B 98 5.94 0.82 11.97
CA VAL B 98 6.57 1.92 11.24
C VAL B 98 7.10 1.44 9.89
N VAL B 99 7.66 0.23 9.85
CA VAL B 99 8.10 -0.39 8.60
C VAL B 99 6.92 -0.54 7.64
N HIS B 100 5.82 -1.13 8.13
CA HIS B 100 4.59 -1.25 7.34
C HIS B 100 4.08 0.11 6.87
N GLN B 101 4.03 1.06 7.79
CA GLN B 101 3.59 2.43 7.53
C GLN B 101 4.37 3.08 6.36
N ARG B 102 5.69 2.93 6.37
CA ARG B 102 6.53 3.50 5.33
C ARG B 102 6.41 2.76 4.00
N LEU B 103 6.15 1.46 4.06
CA LEU B 103 5.91 0.67 2.84
C LEU B 103 4.64 1.13 2.13
N PHE B 104 3.57 1.34 2.91
CA PHE B 104 2.34 1.88 2.36
C PHE B 104 2.49 3.34 1.93
N PHE B 105 3.31 4.10 2.64
CA PHE B 105 3.65 5.47 2.23
C PHE B 105 4.32 5.47 0.86
N ASP B 106 5.20 4.50 0.63
CA ASP B 106 5.92 4.38 -0.63
C ASP B 106 4.98 4.12 -1.81
N VAL B 107 4.11 3.12 -1.68
CA VAL B 107 3.19 2.74 -2.76
C VAL B 107 2.09 3.78 -3.01
N ALA B 108 1.56 4.38 -1.95
CA ALA B 108 0.37 5.23 -2.04
C ALA B 108 0.66 6.72 -2.14
N VAL B 109 1.86 7.13 -1.75
CA VAL B 109 2.20 8.56 -1.75
C VAL B 109 3.48 8.85 -2.53
N LEU B 110 4.61 8.32 -2.09
CA LEU B 110 5.90 8.68 -2.69
C LEU B 110 6.02 8.22 -4.15
N TYR B 111 5.82 6.92 -4.40
CA TYR B 111 5.92 6.41 -5.76
C TYR B 111 4.71 6.80 -6.61
N GLN B 112 3.54 6.85 -5.97
CA GLN B 112 2.28 7.19 -6.65
C GLN B 112 2.32 8.57 -7.30
N ARG B 113 2.70 9.58 -6.53
CA ARG B 113 2.77 10.97 -7.01
C ARG B 113 3.91 11.17 -7.99
N PHE B 114 4.97 10.38 -7.85
CA PHE B 114 6.05 10.34 -8.82
C PHE B 114 5.50 9.90 -10.19
N ALA B 115 4.74 8.81 -10.18
CA ALA B 115 4.12 8.27 -11.37
C ALA B 115 3.10 9.24 -11.97
N GLU B 116 2.30 9.87 -11.11
CA GLU B 116 1.27 10.82 -11.53
C GLU B 116 1.87 12.11 -12.13
N TYR B 117 3.18 12.31 -11.93
CA TYR B 117 3.87 13.48 -12.45
C TYR B 117 4.70 13.18 -13.71
N TYR B 118 5.41 12.06 -13.68
CA TYR B 118 6.38 11.74 -14.75
C TYR B 118 5.85 10.85 -15.88
N GLU B 119 4.83 10.06 -15.60
CA GLU B 119 4.24 9.19 -16.64
C GLU B 119 3.58 9.95 -17.80
N PRO B 120 2.89 11.09 -17.52
CA PRO B 120 2.42 11.93 -18.64
C PRO B 120 3.55 12.58 -19.43
N GLN B 121 4.73 12.69 -18.82
CA GLN B 121 5.88 13.34 -19.45
C GLN B 121 6.70 12.41 -20.35
N ILE B 122 6.42 11.10 -20.28
CA ILE B 122 7.17 10.11 -21.07
C ILE B 122 6.29 9.13 -21.86
N PHE B 123 5.00 9.07 -21.52
CA PHE B 123 4.04 8.21 -22.21
C PHE B 123 2.82 9.00 -22.68
N GLY B 124 2.20 8.53 -23.77
CA GLY B 124 0.96 9.10 -24.29
C GLY B 124 1.12 10.48 -24.91
N GLN B 125 0.73 11.51 -24.15
CA GLN B 125 0.81 12.90 -24.60
C GLN B 125 2.24 13.41 -24.71
N LYS B 126 3.11 12.89 -23.84
CA LYS B 126 4.55 13.21 -23.80
C LYS B 126 4.85 14.70 -23.60
N VAL B 127 4.05 15.37 -22.77
CA VAL B 127 4.20 16.79 -22.49
C VAL B 127 5.41 17.03 -21.57
N PRO B 128 6.39 17.84 -22.02
CA PRO B 128 7.58 18.11 -21.22
C PRO B 128 7.31 18.97 -19.98
N VAL B 129 6.32 19.85 -20.09
CA VAL B 129 5.92 20.72 -18.98
C VAL B 129 5.08 19.93 -17.98
N GLY B 130 5.58 19.86 -16.75
CA GLY B 130 4.88 19.16 -15.68
C GLY B 130 3.84 20.04 -15.00
N ASP B 131 2.64 19.49 -14.83
CA ASP B 131 1.53 20.18 -14.17
C ASP B 131 1.96 20.67 -12.78
N PRO B 132 1.73 21.97 -12.50
CA PRO B 132 2.10 22.58 -11.22
C PRO B 132 1.41 21.93 -10.01
N GLY B 133 0.22 21.38 -10.23
CA GLY B 133 -0.50 20.65 -9.18
C GLY B 133 0.16 19.33 -8.83
N ARG B 134 0.56 18.59 -9.88
CA ARG B 134 1.23 17.30 -9.74
C ARG B 134 2.63 17.43 -9.14
N LEU B 135 3.30 18.54 -9.46
CA LEU B 135 4.63 18.83 -8.90
C LEU B 135 4.53 19.16 -7.41
N ARG B 136 3.55 20.00 -7.05
CA ARG B 136 3.30 20.36 -5.66
C ARG B 136 3.03 19.11 -4.84
N SER B 137 2.20 18.23 -5.39
CA SER B 137 1.84 16.95 -4.76
C SER B 137 3.07 16.08 -4.53
N MET B 138 3.88 15.92 -5.56
CA MET B 138 5.11 15.12 -5.48
C MET B 138 6.13 15.70 -4.51
N GLU B 139 6.24 17.03 -4.48
CA GLU B 139 7.15 17.72 -3.55
C GLU B 139 6.69 17.58 -2.11
N GLN B 140 5.37 17.60 -1.90
CA GLN B 140 4.77 17.34 -0.59
C GLN B 140 5.15 15.95 -0.06
N ALA B 141 5.21 14.97 -0.96
CA ALA B 141 5.64 13.62 -0.63
C ALA B 141 7.11 13.59 -0.19
N LEU B 142 7.94 14.37 -0.88
CA LEU B 142 9.36 14.49 -0.53
C LEU B 142 9.54 15.24 0.79
N GLU B 143 8.68 16.24 1.02
CA GLU B 143 8.63 16.97 2.28
C GLU B 143 8.32 16.04 3.45
N PHE B 144 7.35 15.13 3.24
CA PHE B 144 6.99 14.11 4.23
C PHE B 144 8.16 13.20 4.57
N LEU B 145 8.81 12.64 3.53
CA LEU B 145 9.94 11.74 3.69
C LEU B 145 11.11 12.40 4.42
N ASN B 146 11.38 13.66 4.06
CA ASN B 146 12.42 14.47 4.68
C ASN B 146 12.21 14.66 6.18
N THR B 147 10.95 14.88 6.57
CA THR B 147 10.54 15.00 7.97
C THR B 147 10.69 13.67 8.71
N PHE B 148 10.33 12.57 8.06
CA PHE B 148 10.49 11.23 8.65
C PHE B 148 11.96 10.94 8.98
N LEU B 149 12.86 11.44 8.15
CA LEU B 149 14.29 11.20 8.28
C LEU B 149 15.02 12.22 9.18
N GLU B 150 14.27 13.14 9.78
CA GLU B 150 14.84 14.16 10.67
C GLU B 150 15.33 13.53 11.97
N GLY B 151 16.63 13.57 12.18
CA GLY B 151 17.27 12.94 13.34
C GLY B 151 17.29 11.42 13.29
N GLU B 152 17.04 10.86 12.10
CA GLU B 152 16.98 9.42 11.90
C GLU B 152 17.88 8.98 10.75
N GLN B 153 18.56 7.83 10.94
CA GLN B 153 19.38 7.23 9.89
C GLN B 153 18.53 6.65 8.76
N TYR B 154 17.43 5.98 9.13
CA TYR B 154 16.61 5.25 8.15
C TYR B 154 15.13 5.59 8.23
N VAL B 155 14.40 5.22 7.17
CA VAL B 155 13.04 5.72 6.95
C VAL B 155 12.04 5.29 8.03
N ALA B 156 12.21 4.09 8.56
CA ALA B 156 11.34 3.58 9.62
C ALA B 156 12.07 3.51 10.95
N GLY B 157 13.18 4.25 11.05
CA GLY B 157 14.01 4.20 12.24
C GLY B 157 14.81 2.91 12.30
N GLY B 158 15.47 2.69 13.44
CA GLY B 158 16.34 1.53 13.61
C GLY B 158 17.78 1.89 13.31
N ASP B 159 18.68 0.94 13.55
CA ASP B 159 20.11 1.15 13.36
C ASP B 159 20.59 0.56 12.04
N ASP B 160 19.70 -0.14 11.34
CA ASP B 160 20.01 -0.81 10.09
C ASP B 160 18.90 -0.59 9.07
N PRO B 161 19.24 -0.66 7.77
CA PRO B 161 18.20 -0.58 6.74
C PRO B 161 17.16 -1.69 6.88
N THR B 162 15.90 -1.32 6.72
CA THR B 162 14.81 -2.28 6.70
C THR B 162 14.34 -2.43 5.26
N ILE B 163 13.35 -3.28 5.03
CA ILE B 163 12.78 -3.43 3.69
C ILE B 163 12.05 -2.16 3.22
N ALA B 164 11.66 -1.31 4.16
CA ALA B 164 11.10 0.00 3.85
C ALA B 164 12.15 0.91 3.19
N ASP B 165 13.38 0.83 3.66
CA ASP B 165 14.50 1.55 3.05
C ASP B 165 14.79 1.03 1.65
N LEU B 166 14.73 -0.28 1.48
CA LEU B 166 14.97 -0.90 0.17
C LEU B 166 13.89 -0.49 -0.85
N SER B 167 12.64 -0.46 -0.40
CA SER B 167 11.52 -0.04 -1.24
C SER B 167 11.65 1.42 -1.66
N ILE B 168 11.94 2.28 -0.69
CA ILE B 168 12.03 3.70 -0.92
C ILE B 168 13.33 4.07 -1.65
N LEU B 169 14.36 3.24 -1.51
CA LEU B 169 15.61 3.45 -2.26
C LEU B 169 15.40 3.23 -3.76
N ALA B 170 14.65 2.18 -4.10
CA ALA B 170 14.27 1.92 -5.48
C ALA B 170 13.47 3.08 -6.05
N THR B 171 12.51 3.56 -5.25
CA THR B 171 11.66 4.69 -5.62
C THR B 171 12.47 5.99 -5.81
N ILE B 172 13.32 6.32 -4.85
CA ILE B 172 14.09 7.58 -4.88
C ILE B 172 15.22 7.55 -5.93
N ALA B 173 15.72 6.36 -6.26
CA ALA B 173 16.67 6.22 -7.36
C ALA B 173 16.00 6.58 -8.69
N THR B 174 14.70 6.31 -8.78
CA THR B 174 13.90 6.66 -9.96
C THR B 174 13.66 8.17 -10.02
N TYR B 175 13.43 8.80 -8.87
CA TYR B 175 13.37 10.26 -8.74
C TYR B 175 14.63 10.93 -9.29
N GLU B 176 15.79 10.33 -9.02
CA GLU B 176 17.08 10.88 -9.42
C GLU B 176 17.28 10.86 -10.93
N VAL B 177 16.96 9.75 -11.56
CA VAL B 177 17.12 9.59 -13.02
C VAL B 177 16.09 10.41 -13.80
N ALA B 178 14.94 10.65 -13.18
CA ALA B 178 13.86 11.47 -13.76
C ALA B 178 14.27 12.94 -13.85
N GLY B 179 15.34 13.30 -13.14
CA GLY B 179 15.89 14.65 -13.20
C GLY B 179 15.58 15.52 -12.00
N TYR B 180 14.86 14.98 -11.01
CA TYR B 180 14.52 15.77 -9.83
C TYR B 180 15.73 16.02 -8.92
N ASP B 181 15.89 17.27 -8.52
CA ASP B 181 16.98 17.69 -7.63
C ASP B 181 16.68 17.31 -6.18
N LEU B 182 17.20 16.14 -5.77
CA LEU B 182 16.99 15.60 -4.43
C LEU B 182 17.70 16.39 -3.33
N ARG B 183 18.71 17.17 -3.72
CA ARG B 183 19.49 17.99 -2.78
C ARG B 183 18.68 19.08 -2.08
N ARG B 184 17.51 19.39 -2.63
CA ARG B 184 16.52 20.26 -1.97
C ARG B 184 16.09 19.69 -0.62
N TYR B 185 16.09 18.36 -0.51
CA TYR B 185 15.69 17.67 0.71
C TYR B 185 16.92 17.01 1.35
N GLU B 186 17.50 17.75 2.30
CA GLU B 186 18.80 17.43 2.88
C GLU B 186 18.86 16.07 3.58
N ASN B 187 17.80 15.74 4.31
CA ASN B 187 17.70 14.44 4.98
C ASN B 187 17.57 13.30 3.97
N VAL B 188 16.71 13.50 2.98
CA VAL B 188 16.51 12.54 1.88
C VAL B 188 17.84 12.29 1.13
N GLN B 189 18.51 13.37 0.74
CA GLN B 189 19.80 13.27 0.03
C GLN B 189 20.88 12.58 0.87
N ARG B 190 20.93 12.92 2.16
CA ARG B 190 21.85 12.28 3.10
C ARG B 190 21.56 10.78 3.22
N TRP B 191 20.27 10.44 3.39
CA TRP B 191 19.83 9.05 3.49
C TRP B 191 20.08 8.28 2.19
N TYR B 192 19.81 8.93 1.05
CA TYR B 192 19.99 8.31 -0.25
C TYR B 192 21.44 7.89 -0.47
N GLU B 193 22.37 8.77 -0.07
CA GLU B 193 23.80 8.50 -0.16
C GLU B 193 24.26 7.42 0.82
N ARG B 194 23.72 7.47 2.04
CA ARG B 194 24.03 6.48 3.07
C ARG B 194 23.58 5.07 2.67
N THR B 195 22.32 4.95 2.27
CA THR B 195 21.72 3.66 1.96
C THR B 195 22.36 3.00 0.72
N SER B 196 22.63 3.81 -0.30
CA SER B 196 23.22 3.32 -1.55
C SER B 196 24.60 2.69 -1.32
N ALA B 197 25.33 3.24 -0.36
CA ALA B 197 26.69 2.76 -0.06
C ALA B 197 26.73 1.43 0.70
N ILE B 198 25.66 1.12 1.43
CA ILE B 198 25.70 -0.01 2.39
C ILE B 198 24.78 -1.21 2.10
N VAL B 199 23.64 -1.00 1.44
CA VAL B 199 22.71 -2.10 1.19
C VAL B 199 23.14 -2.98 0.02
N PRO B 200 22.98 -4.32 0.17
CA PRO B 200 23.29 -5.27 -0.90
C PRO B 200 22.42 -5.05 -2.16
N GLY B 201 23.06 -5.09 -3.32
CA GLY B 201 22.35 -4.93 -4.60
C GLY B 201 22.04 -3.50 -4.98
N ALA B 202 22.59 -2.55 -4.23
CA ALA B 202 22.34 -1.13 -4.45
C ALA B 202 22.90 -0.64 -5.78
N ASP B 203 24.03 -1.22 -6.20
CA ASP B 203 24.63 -0.92 -7.50
C ASP B 203 23.72 -1.36 -8.64
N LYS B 204 23.01 -2.47 -8.45
CA LYS B 204 22.06 -2.99 -9.44
C LYS B 204 20.75 -2.19 -9.45
N ASN B 205 20.50 -1.45 -8.37
CA ASN B 205 19.39 -0.50 -8.29
C ASN B 205 19.68 0.76 -9.11
N VAL B 206 20.89 1.29 -8.97
CA VAL B 206 21.34 2.44 -9.76
C VAL B 206 21.42 2.07 -11.24
N GLU B 207 21.90 0.87 -11.52
CA GLU B 207 22.05 0.33 -12.87
C GLU B 207 20.72 0.23 -13.61
N GLY B 208 19.70 -0.30 -12.91
CA GLY B 208 18.36 -0.43 -13.46
C GLY B 208 17.63 0.90 -13.62
N ALA B 209 17.85 1.79 -12.66
CA ALA B 209 17.25 3.12 -12.67
C ALA B 209 17.67 3.93 -13.91
N LYS B 210 18.91 3.74 -14.35
CA LYS B 210 19.44 4.40 -15.54
C LYS B 210 18.70 3.95 -16.82
N VAL B 211 18.25 2.69 -16.81
CA VAL B 211 17.44 2.13 -17.90
C VAL B 211 16.08 2.81 -18.01
N PHE B 212 15.50 3.13 -16.86
CA PHE B 212 14.28 3.94 -16.78
C PHE B 212 14.57 5.37 -17.26
N GLY B 213 15.79 5.83 -16.99
CA GLY B 213 16.22 7.18 -17.35
C GLY B 213 16.35 7.47 -18.83
N ARG B 214 16.29 6.41 -19.65
CA ARG B 214 16.35 6.55 -21.11
C ARG B 214 15.10 7.25 -21.66
N TYR B 215 14.00 7.14 -20.93
CA TYR B 215 12.72 7.73 -21.33
C TYR B 215 12.71 9.26 -21.32
N PHE B 216 13.62 9.85 -20.55
CA PHE B 216 13.70 11.31 -20.41
C PHE B 216 14.74 11.90 -21.37
#